data_5IIB
#
_entry.id   5IIB
#
_cell.length_a   64.500
_cell.length_b   64.500
_cell.length_c   129.930
_cell.angle_alpha   90.00
_cell.angle_beta   90.00
_cell.angle_gamma   120.00
#
_symmetry.space_group_name_H-M   'P 31 2 1'
#
loop_
_entity.id
_entity.type
_entity.pdbx_description
1 polymer Egg-lysin
2 polymer 'Vitelline envelope sperm lysin receptor'
3 branched beta-D-fructofuranose-(2-1)-alpha-D-glucopyranose
4 non-polymer '4-(2-HYDROXYETHYL)-1-PIPERAZINE ETHANESULFONIC ACID'
5 non-polymer 2-acetamido-2-deoxy-beta-D-glucopyranose
6 water water
#
loop_
_entity_poly.entity_id
_entity_poly.type
_entity_poly.pdbx_seq_one_letter_code
_entity_poly.pdbx_strand_id
1 'polypeptide(L)'
;RSWHYVEPKFLNKAFEVALKVQIIAGFDRGLVKWLRVHGRTLSTVQKKALYFVNRRYMQTHWANYMLWINKKIDALGRTP
VVGDYTRLGAEIGRRIDMAYFYDFLKDKNMIPKYLPYMEEINRMRPADVPVKYMGK
;
A
2 'polypeptide(L)'
;ETGAAADWDVYCSQDESIPAKFISRLVTSKDQALEKTEINCSNGLVPITQEFGINMMLIQYTRNELLDSPGMCVFWGPYS
VPKNDTVVLYTVTARLKWSEGPPTNLSIQCYMPKSPVAPKLEHHHHHH
;
B
#
# COMPACT_ATOMS: atom_id res chain seq x y z
N PHE A 10 -3.36 -21.62 -1.00
CA PHE A 10 -2.15 -21.76 -0.18
C PHE A 10 -2.47 -21.77 1.30
N LEU A 11 -2.71 -20.58 1.85
CA LEU A 11 -2.98 -20.45 3.26
C LEU A 11 -4.38 -20.97 3.60
N ASN A 12 -4.48 -21.76 4.66
CA ASN A 12 -5.77 -22.25 5.11
C ASN A 12 -6.74 -21.08 5.26
N LYS A 13 -8.01 -21.33 4.89
CA LYS A 13 -8.96 -20.24 4.84
C LYS A 13 -9.16 -19.60 6.21
N ALA A 14 -9.21 -20.41 7.27
CA ALA A 14 -9.36 -19.87 8.62
C ALA A 14 -8.25 -18.88 8.96
N PHE A 15 -7.02 -19.17 8.52
CA PHE A 15 -5.91 -18.27 8.82
C PHE A 15 -6.00 -16.99 7.99
N GLU A 16 -6.39 -17.10 6.73
CA GLU A 16 -6.59 -15.90 5.91
C GLU A 16 -7.65 -15.00 6.52
N VAL A 17 -8.79 -15.57 6.89
CA VAL A 17 -9.86 -14.76 7.47
C VAL A 17 -9.38 -14.09 8.74
N ALA A 18 -8.66 -14.84 9.59
CA ALA A 18 -8.21 -14.27 10.85
C ALA A 18 -7.33 -13.06 10.61
N LEU A 19 -6.46 -13.13 9.59
CA LEU A 19 -5.63 -12.01 9.20
C LEU A 19 -6.47 -10.83 8.74
N LYS A 20 -7.35 -11.06 7.76
CA LYS A 20 -8.06 -9.97 7.11
C LYS A 20 -8.95 -9.23 8.09
N VAL A 21 -9.63 -9.96 8.97
CA VAL A 21 -10.51 -9.31 9.95
C VAL A 21 -9.74 -8.32 10.81
N GLN A 22 -8.53 -8.71 11.26
CA GLN A 22 -7.74 -7.82 12.13
C GLN A 22 -7.13 -6.65 11.37
N ILE A 23 -6.63 -6.89 10.15
CA ILE A 23 -6.04 -5.81 9.37
C ILE A 23 -7.08 -4.73 9.11
N ILE A 24 -8.25 -5.12 8.62
CA ILE A 24 -9.29 -4.13 8.33
C ILE A 24 -9.79 -3.48 9.61
N ALA A 25 -9.93 -4.24 10.69
CA ALA A 25 -10.31 -3.65 11.97
C ALA A 25 -9.32 -2.57 12.38
N GLY A 26 -8.03 -2.85 12.25
CA GLY A 26 -7.02 -1.89 12.65
C GLY A 26 -7.00 -0.65 11.78
N PHE A 27 -7.11 -0.83 10.47
CA PHE A 27 -7.19 0.32 9.58
C PHE A 27 -8.43 1.15 9.88
N ASP A 28 -9.58 0.49 10.10
CA ASP A 28 -10.80 1.24 10.33
C ASP A 28 -10.73 2.03 11.65
N ARG A 29 -10.16 1.44 12.70
CA ARG A 29 -9.96 2.19 13.94
C ARG A 29 -9.22 3.49 13.69
N GLY A 30 -8.13 3.43 12.92
CA GLY A 30 -7.35 4.62 12.67
C GLY A 30 -8.13 5.66 11.89
N LEU A 31 -8.96 5.21 10.95
CA LEU A 31 -9.73 6.16 10.14
C LEU A 31 -10.81 6.83 10.96
N VAL A 32 -11.46 6.07 11.84
CA VAL A 32 -12.46 6.67 12.73
C VAL A 32 -11.81 7.77 13.56
N LYS A 33 -10.62 7.49 14.11
CA LYS A 33 -9.93 8.48 14.91
C LYS A 33 -9.60 9.72 14.07
N TRP A 34 -9.07 9.50 12.86
CA TRP A 34 -8.74 10.62 11.98
C TRP A 34 -10.00 11.40 11.59
N LEU A 35 -11.10 10.71 11.30
CA LEU A 35 -12.32 11.41 10.92
C LEU A 35 -12.87 12.24 12.06
N ARG A 36 -12.66 11.83 13.31
CA ARG A 36 -13.17 12.63 14.42
C ARG A 36 -12.57 14.03 14.39
N VAL A 37 -11.37 14.16 13.84
CA VAL A 37 -10.68 15.45 13.79
C VAL A 37 -10.84 16.11 12.42
N HIS A 38 -10.77 15.34 11.34
CA HIS A 38 -10.66 15.90 10.00
C HIS A 38 -11.89 15.62 9.13
N GLY A 39 -12.92 14.95 9.66
CA GLY A 39 -14.01 14.53 8.81
C GLY A 39 -15.11 15.55 8.61
N ARG A 40 -15.15 16.62 9.40
CA ARG A 40 -16.28 17.54 9.39
C ARG A 40 -16.64 17.96 7.96
N THR A 41 -15.65 18.37 7.18
CA THR A 41 -15.89 18.93 5.86
C THR A 41 -15.96 17.90 4.75
N LEU A 42 -15.82 16.61 5.06
CA LEU A 42 -15.88 15.56 4.05
C LEU A 42 -17.33 15.15 3.79
N SER A 43 -17.64 14.83 2.54
CA SER A 43 -18.95 14.32 2.18
C SER A 43 -19.06 12.85 2.59
N THR A 44 -20.29 12.33 2.59
CA THR A 44 -20.49 10.94 2.95
C THR A 44 -19.74 10.02 1.99
N VAL A 45 -19.78 10.31 0.69
CA VAL A 45 -19.11 9.44 -0.27
C VAL A 45 -17.60 9.55 -0.14
N GLN A 46 -17.09 10.71 0.26
CA GLN A 46 -15.65 10.83 0.49
C GLN A 46 -15.22 9.96 1.67
N LYS A 47 -16.05 9.92 2.72
CA LYS A 47 -15.74 9.04 3.85
C LYS A 47 -15.79 7.58 3.43
N LYS A 48 -16.79 7.20 2.62
CA LYS A 48 -16.87 5.83 2.13
C LYS A 48 -15.66 5.52 1.25
N ALA A 49 -15.18 6.50 0.49
CA ALA A 49 -13.99 6.27 -0.33
C ALA A 49 -12.79 5.93 0.55
N LEU A 50 -12.66 6.59 1.70
CA LEU A 50 -11.53 6.27 2.55
C LEU A 50 -11.69 4.92 3.22
N TYR A 51 -12.91 4.49 3.56
CA TYR A 51 -13.07 3.12 4.04
C TYR A 51 -12.66 2.12 2.97
N PHE A 52 -12.99 2.40 1.70
CA PHE A 52 -12.54 1.52 0.63
C PHE A 52 -11.01 1.53 0.52
N VAL A 53 -10.39 2.71 0.70
CA VAL A 53 -8.92 2.78 0.65
C VAL A 53 -8.33 1.76 1.62
N ASN A 54 -8.95 1.59 2.79
CA ASN A 54 -8.41 0.66 3.78
C ASN A 54 -8.45 -0.77 3.27
N ARG A 55 -9.62 -1.19 2.74
CA ARG A 55 -9.74 -2.56 2.25
C ARG A 55 -8.83 -2.80 1.04
N ARG A 56 -8.79 -1.84 0.13
CA ARG A 56 -7.96 -1.98 -1.06
C ARG A 56 -6.48 -1.99 -0.69
N TYR A 57 -6.08 -1.26 0.35
CA TYR A 57 -4.68 -1.27 0.75
C TYR A 57 -4.25 -2.67 1.16
N MET A 58 -5.11 -3.37 1.91
CA MET A 58 -4.84 -4.77 2.25
C MET A 58 -4.74 -5.66 1.02
N GLN A 59 -5.63 -5.46 0.04
CA GLN A 59 -5.56 -6.27 -1.18
C GLN A 59 -4.24 -6.03 -1.91
N THR A 60 -3.90 -4.75 -2.10
CA THR A 60 -2.71 -4.38 -2.86
C THR A 60 -1.45 -4.94 -2.22
N HIS A 61 -1.40 -4.97 -0.89
CA HIS A 61 -0.17 -5.36 -0.19
C HIS A 61 -0.18 -6.79 0.29
N TRP A 62 -1.20 -7.58 -0.07
CA TRP A 62 -1.29 -8.94 0.43
C TRP A 62 -0.02 -9.73 0.14
N ALA A 63 0.56 -9.56 -1.05
CA ALA A 63 1.76 -10.32 -1.42
C ALA A 63 2.90 -10.06 -0.44
N ASN A 64 3.14 -8.81 -0.07
CA ASN A 64 4.25 -8.53 0.84
C ASN A 64 3.84 -8.72 2.30
N TYR A 65 2.54 -8.67 2.62
CA TYR A 65 2.09 -9.18 3.90
C TYR A 65 2.48 -10.64 4.08
N MET A 66 2.22 -11.47 3.07
CA MET A 66 2.47 -12.90 3.21
C MET A 66 3.94 -13.20 3.42
N LEU A 67 4.82 -12.45 2.76
CA LEU A 67 6.25 -12.63 2.97
C LEU A 67 6.62 -12.41 4.42
N TRP A 68 6.12 -11.32 4.99
CA TRP A 68 6.41 -10.97 6.38
C TRP A 68 5.77 -11.95 7.35
N ILE A 69 4.52 -12.36 7.08
CA ILE A 69 3.82 -13.31 7.93
C ILE A 69 4.53 -14.65 7.92
N ASN A 70 4.90 -15.13 6.73
CA ASN A 70 5.53 -16.45 6.64
C ASN A 70 6.81 -16.49 7.46
N LYS A 71 7.60 -15.42 7.43
CA LYS A 71 8.80 -15.37 8.26
C LYS A 71 8.45 -15.41 9.74
N LYS A 72 7.44 -14.65 10.17
CA LYS A 72 7.05 -14.66 11.57
C LYS A 72 6.53 -16.03 11.99
N ILE A 73 5.68 -16.64 11.16
CA ILE A 73 5.14 -17.96 11.49
C ILE A 73 6.27 -18.98 11.57
N ASP A 74 7.16 -18.96 10.59
CA ASP A 74 8.30 -19.87 10.61
C ASP A 74 9.07 -19.73 11.93
N ALA A 75 9.17 -18.51 12.45
CA ALA A 75 9.91 -18.27 13.68
C ALA A 75 9.24 -18.90 14.90
N LEU A 76 7.98 -19.31 14.80
CA LEU A 76 7.32 -19.88 15.97
C LEU A 76 8.01 -21.15 16.44
N GLY A 77 8.66 -21.87 15.53
CA GLY A 77 9.22 -23.17 15.88
C GLY A 77 8.19 -24.16 16.36
N ARG A 78 6.94 -24.01 15.91
CA ARG A 78 5.87 -24.92 16.27
C ARG A 78 4.76 -24.76 15.23
N THR A 79 3.88 -25.74 15.18
CA THR A 79 2.75 -25.66 14.27
C THR A 79 1.89 -24.45 14.63
N PRO A 80 1.50 -23.62 13.67
CA PRO A 80 0.74 -22.42 14.02
C PRO A 80 -0.73 -22.74 14.27
N VAL A 81 -1.38 -21.83 15.00
CA VAL A 81 -2.82 -21.89 15.23
C VAL A 81 -3.42 -20.55 14.84
N VAL A 82 -4.76 -20.52 14.78
CA VAL A 82 -5.46 -19.35 14.27
C VAL A 82 -5.15 -18.11 15.10
N GLY A 83 -4.92 -18.28 16.41
CA GLY A 83 -4.57 -17.14 17.23
C GLY A 83 -3.27 -16.48 16.80
N ASP A 84 -2.34 -17.25 16.23
CA ASP A 84 -1.09 -16.68 15.75
C ASP A 84 -1.35 -15.70 14.61
N TYR A 85 -2.29 -16.04 13.73
CA TYR A 85 -2.62 -15.17 12.60
C TYR A 85 -3.45 -13.97 13.04
N THR A 86 -4.41 -14.15 13.96
CA THR A 86 -5.07 -13.00 14.57
C THR A 86 -4.05 -11.99 15.07
N ARG A 87 -3.05 -12.46 15.82
CA ARG A 87 -2.06 -11.58 16.42
C ARG A 87 -1.29 -10.83 15.35
N LEU A 88 -0.82 -11.54 14.33
CA LEU A 88 -0.04 -10.92 13.27
C LEU A 88 -0.88 -9.96 12.45
N GLY A 89 -2.15 -10.32 12.22
CA GLY A 89 -3.04 -9.41 11.51
C GLY A 89 -3.24 -8.12 12.27
N ALA A 90 -3.33 -8.19 13.61
CA ALA A 90 -3.48 -6.97 14.39
C ALA A 90 -2.21 -6.13 14.35
N GLU A 91 -1.04 -6.77 14.34
CA GLU A 91 0.22 -6.04 14.18
C GLU A 91 0.29 -5.32 12.84
N ILE A 92 -0.13 -5.99 11.76
CA ILE A 92 -0.13 -5.34 10.44
C ILE A 92 -1.10 -4.16 10.45
N GLY A 93 -2.28 -4.34 11.04
CA GLY A 93 -3.25 -3.26 11.06
C GLY A 93 -2.78 -2.03 11.83
N ARG A 94 -1.88 -2.23 12.80
CA ARG A 94 -1.40 -1.16 13.65
C ARG A 94 -0.09 -0.53 13.19
N ARG A 95 0.78 -1.30 12.55
CA ARG A 95 2.15 -0.87 12.27
C ARG A 95 2.27 -0.12 10.94
N ILE A 96 1.48 0.94 10.81
CA ILE A 96 1.42 1.78 9.62
C ILE A 96 0.59 2.97 10.06
N ASP A 97 0.90 4.16 9.55
CA ASP A 97 0.07 5.34 9.80
C ASP A 97 -0.63 5.66 8.49
N MET A 98 -1.87 5.19 8.35
CA MET A 98 -2.65 5.42 7.14
C MET A 98 -3.03 6.89 6.98
N ALA A 99 -2.81 7.71 8.01
CA ALA A 99 -3.08 9.14 7.88
C ALA A 99 -2.16 9.81 6.87
N TYR A 100 -1.01 9.22 6.54
CA TYR A 100 -0.23 9.77 5.44
C TYR A 100 -1.06 9.81 4.17
N PHE A 101 -1.91 8.79 3.96
CA PHE A 101 -2.84 8.79 2.84
C PHE A 101 -4.01 9.72 3.07
N TYR A 102 -4.72 9.57 4.21
CA TYR A 102 -5.89 10.40 4.44
C TYR A 102 -5.53 11.88 4.34
N ASP A 103 -4.47 12.30 5.04
CA ASP A 103 -4.06 13.71 5.00
C ASP A 103 -3.72 14.13 3.57
N PHE A 104 -2.90 13.34 2.87
CA PHE A 104 -2.53 13.70 1.50
C PHE A 104 -3.75 13.82 0.60
N LEU A 105 -4.67 12.85 0.69
CA LEU A 105 -5.81 12.83 -0.21
C LEU A 105 -6.74 14.00 0.04
N LYS A 106 -6.97 14.32 1.32
CA LYS A 106 -7.83 15.46 1.64
C LYS A 106 -7.13 16.77 1.27
N ASP A 107 -5.88 16.93 1.70
CA ASP A 107 -5.19 18.21 1.51
C ASP A 107 -5.05 18.56 0.04
N LYS A 108 -4.81 17.56 -0.81
CA LYS A 108 -4.63 17.78 -2.24
C LYS A 108 -5.90 17.57 -3.05
N ASN A 109 -7.06 17.48 -2.39
CA ASN A 109 -8.34 17.28 -3.07
C ASN A 109 -8.27 16.09 -4.04
N MET A 110 -7.73 14.98 -3.54
CA MET A 110 -7.56 13.78 -4.35
C MET A 110 -8.28 12.58 -3.75
N ILE A 111 -9.23 12.78 -2.85
CA ILE A 111 -10.00 11.60 -2.43
C ILE A 111 -10.68 10.99 -3.65
N PRO A 112 -10.51 9.70 -3.93
CA PRO A 112 -11.00 9.16 -5.19
C PRO A 112 -12.50 9.32 -5.36
N LYS A 113 -12.92 9.57 -6.60
CA LYS A 113 -14.35 9.51 -6.92
C LYS A 113 -14.90 8.16 -6.49
N TYR A 114 -15.99 8.18 -5.73
CA TYR A 114 -16.53 6.97 -5.14
C TYR A 114 -17.31 6.21 -6.21
N LEU A 115 -16.79 5.07 -6.62
CA LEU A 115 -17.36 4.31 -7.72
C LEU A 115 -17.91 2.97 -7.25
N PRO A 116 -18.77 2.34 -8.06
CA PRO A 116 -19.43 1.11 -7.61
C PRO A 116 -18.50 -0.03 -7.22
N TYR A 117 -17.35 -0.19 -7.88
CA TYR A 117 -16.45 -1.27 -7.46
C TYR A 117 -15.96 -1.05 -6.04
N MET A 118 -15.91 0.20 -5.60
CA MET A 118 -15.53 0.50 -4.23
C MET A 118 -16.65 0.14 -3.27
N GLU A 119 -17.88 0.54 -3.59
CA GLU A 119 -19.04 0.20 -2.77
C GLU A 119 -19.17 -1.31 -2.62
N GLU A 120 -18.91 -2.05 -3.70
CA GLU A 120 -18.99 -3.51 -3.65
C GLU A 120 -18.04 -4.08 -2.60
N ILE A 121 -16.81 -3.56 -2.55
CA ILE A 121 -15.84 -4.01 -1.56
C ILE A 121 -16.23 -3.56 -0.15
N ASN A 122 -16.72 -2.32 -0.02
CA ASN A 122 -17.15 -1.82 1.28
C ASN A 122 -18.29 -2.65 1.86
N ARG A 123 -19.18 -3.18 1.01
CA ARG A 123 -20.32 -3.95 1.51
C ARG A 123 -19.96 -5.37 1.92
N MET A 124 -18.77 -5.86 1.58
CA MET A 124 -18.34 -7.20 1.95
C MET A 124 -18.03 -7.29 3.43
N ARG A 125 -18.26 -8.47 4.01
CA ARG A 125 -17.64 -8.76 5.28
C ARG A 125 -16.12 -8.76 5.09
N PRO A 126 -15.34 -8.25 6.05
CA PRO A 126 -13.89 -8.33 5.91
C PRO A 126 -13.39 -9.75 5.63
N ALA A 127 -14.02 -10.74 6.26
CA ALA A 127 -13.66 -12.13 6.02
C ALA A 127 -13.76 -12.52 4.54
N ASP A 128 -14.60 -11.82 3.78
CA ASP A 128 -14.89 -12.17 2.39
C ASP A 128 -14.16 -11.29 1.39
N VAL A 129 -13.34 -10.35 1.84
CA VAL A 129 -12.62 -9.47 0.91
C VAL A 129 -11.61 -10.32 0.13
N PRO A 130 -11.68 -10.39 -1.20
CA PRO A 130 -10.79 -11.28 -1.93
C PRO A 130 -9.35 -10.79 -1.92
N VAL A 131 -8.42 -11.72 -1.70
CA VAL A 131 -7.00 -11.44 -1.77
C VAL A 131 -6.33 -12.47 -2.69
N LYS A 132 -5.20 -12.07 -3.28
CA LYS A 132 -4.47 -12.91 -4.24
C LYS A 132 -3.07 -13.19 -3.71
N TYR A 133 -2.61 -14.43 -3.89
CA TYR A 133 -1.33 -14.88 -3.35
C TYR A 133 -0.18 -14.80 -4.35
N ALA B 5 -2.23 -0.14 -20.19
CA ALA B 5 -3.24 -0.85 -19.41
C ALA B 5 -3.11 -0.52 -17.93
N ALA B 6 -2.09 0.26 -17.60
CA ALA B 6 -1.85 0.72 -16.25
C ALA B 6 -1.45 2.18 -16.30
N ASP B 7 -1.90 2.94 -15.33
CA ASP B 7 -1.55 4.34 -15.17
C ASP B 7 -1.03 4.54 -13.76
N TRP B 8 -0.13 5.50 -13.59
CA TRP B 8 0.48 5.67 -12.28
C TRP B 8 1.01 7.07 -12.15
N ASP B 9 1.28 7.46 -10.91
N ASP B 9 1.25 7.45 -10.91
CA ASP B 9 1.98 8.71 -10.65
CA ASP B 9 1.82 8.74 -10.53
C ASP B 9 2.43 8.70 -9.19
C ASP B 9 2.59 8.53 -9.24
N VAL B 10 3.45 9.49 -8.92
CA VAL B 10 4.03 9.59 -7.61
C VAL B 10 3.87 11.04 -7.16
N TYR B 11 3.60 11.21 -5.88
CA TYR B 11 3.36 12.51 -5.27
C TYR B 11 4.45 12.69 -4.24
N CYS B 12 5.40 13.56 -4.57
CA CYS B 12 6.62 13.73 -3.81
C CYS B 12 6.40 14.76 -2.72
N SER B 13 7.11 14.58 -1.61
CA SER B 13 6.99 15.46 -0.47
C SER B 13 8.10 16.49 -0.50
N GLN B 14 7.96 17.50 0.35
CA GLN B 14 8.97 18.55 0.47
C GLN B 14 9.97 18.28 1.58
N ASP B 15 9.90 17.13 2.23
CA ASP B 15 10.80 16.85 3.33
C ASP B 15 11.00 15.34 3.43
N GLU B 16 12.24 14.94 3.68
CA GLU B 16 12.55 13.52 3.77
C GLU B 16 11.75 12.80 4.85
N SER B 17 11.18 13.52 5.82
CA SER B 17 10.45 12.87 6.89
C SER B 17 9.05 12.44 6.49
N ILE B 18 8.54 12.92 5.37
CA ILE B 18 7.21 12.56 4.87
C ILE B 18 7.38 11.65 3.67
N PRO B 19 6.80 10.46 3.67
CA PRO B 19 6.98 9.56 2.53
C PRO B 19 6.23 10.04 1.30
N ALA B 20 6.75 9.64 0.14
CA ALA B 20 6.04 9.89 -1.10
C ALA B 20 4.86 8.93 -1.22
N LYS B 21 3.88 9.33 -2.02
CA LYS B 21 2.68 8.52 -2.28
C LYS B 21 2.69 8.06 -3.73
N PHE B 22 2.72 6.75 -3.93
CA PHE B 22 2.59 6.14 -5.24
C PHE B 22 1.16 5.67 -5.44
N ILE B 23 0.55 6.07 -6.55
CA ILE B 23 -0.85 5.75 -6.83
C ILE B 23 -0.91 5.23 -8.25
N SER B 24 -1.49 4.04 -8.42
CA SER B 24 -1.63 3.44 -9.72
C SER B 24 -3.09 3.10 -9.97
N ARG B 25 -3.45 3.04 -11.24
CA ARG B 25 -4.78 2.57 -11.64
C ARG B 25 -4.58 1.49 -12.69
N LEU B 26 -5.17 0.33 -12.43
CA LEU B 26 -5.05 -0.82 -13.32
C LEU B 26 -6.35 -1.00 -14.09
N VAL B 27 -6.24 -0.95 -15.42
CA VAL B 27 -7.34 -1.12 -16.37
C VAL B 27 -6.88 -2.25 -17.28
N THR B 28 -7.37 -3.46 -17.08
CA THR B 28 -6.88 -4.56 -17.90
C THR B 28 -7.97 -5.57 -18.19
N SER B 29 -7.84 -6.25 -19.32
CA SER B 29 -8.72 -7.34 -19.69
C SER B 29 -8.09 -8.68 -19.35
N GLN B 32 -4.54 -9.26 -21.38
CA GLN B 32 -3.50 -9.91 -20.60
C GLN B 32 -3.54 -9.48 -19.14
N ALA B 33 -3.68 -10.45 -18.24
CA ALA B 33 -3.69 -10.14 -16.82
C ALA B 33 -2.28 -9.80 -16.33
N LEU B 34 -2.24 -9.19 -15.17
CA LEU B 34 -0.99 -8.78 -14.52
C LEU B 34 -0.61 -9.87 -13.53
N GLU B 35 0.49 -10.56 -13.80
CA GLU B 35 0.88 -11.68 -12.96
C GLU B 35 1.64 -11.23 -11.71
N LYS B 36 2.57 -10.29 -11.87
CA LYS B 36 3.38 -9.79 -10.76
C LYS B 36 3.65 -8.30 -10.93
N THR B 37 3.79 -7.61 -9.80
CA THR B 37 4.35 -6.28 -9.74
C THR B 37 5.40 -6.27 -8.65
N GLU B 38 6.64 -5.91 -8.99
CA GLU B 38 7.72 -5.85 -8.03
C GLU B 38 8.35 -4.46 -8.04
N ILE B 39 8.45 -3.85 -6.85
CA ILE B 39 9.07 -2.56 -6.68
C ILE B 39 10.49 -2.80 -6.18
N ASN B 40 11.47 -2.25 -6.90
CA ASN B 40 12.87 -2.42 -6.57
C ASN B 40 13.30 -1.21 -5.75
N CYS B 41 13.40 -1.42 -4.44
CA CYS B 41 13.70 -0.37 -3.48
C CYS B 41 15.11 -0.57 -2.94
N SER B 42 15.64 0.46 -2.29
CA SER B 42 17.02 0.38 -1.82
C SER B 42 17.16 -0.64 -0.69
N ASN B 43 16.07 -1.01 -0.02
CA ASN B 43 16.10 -1.99 1.05
C ASN B 43 15.64 -3.37 0.59
N GLY B 44 15.24 -3.52 -0.67
CA GLY B 44 14.90 -4.81 -1.21
C GLY B 44 13.79 -4.72 -2.24
N LEU B 45 13.37 -5.90 -2.70
CA LEU B 45 12.32 -6.04 -3.71
C LEU B 45 11.00 -6.25 -2.98
N VAL B 46 10.01 -5.42 -3.27
CA VAL B 46 8.71 -5.46 -2.59
C VAL B 46 7.65 -5.85 -3.62
N PRO B 47 6.95 -6.98 -3.43
CA PRO B 47 5.86 -7.32 -4.35
C PRO B 47 4.55 -6.65 -3.94
N ILE B 48 3.76 -6.25 -4.93
CA ILE B 48 2.40 -5.78 -4.68
C ILE B 48 1.49 -6.42 -5.71
N THR B 49 0.18 -6.40 -5.41
CA THR B 49 -0.87 -6.93 -6.28
C THR B 49 -1.74 -5.76 -6.71
N GLN B 50 -1.61 -5.34 -7.96
CA GLN B 50 -2.40 -4.21 -8.43
C GLN B 50 -3.78 -4.73 -8.82
N GLU B 51 -4.78 -4.36 -8.04
CA GLU B 51 -6.16 -4.74 -8.30
C GLU B 51 -6.80 -3.78 -9.30
N PHE B 52 -7.89 -4.23 -9.90
CA PHE B 52 -8.70 -3.37 -10.75
C PHE B 52 -8.96 -2.02 -10.09
N GLY B 53 -8.70 -0.95 -10.81
CA GLY B 53 -8.87 0.39 -10.26
C GLY B 53 -7.67 0.86 -9.46
N ILE B 54 -7.90 1.58 -8.35
CA ILE B 54 -6.85 2.36 -7.71
C ILE B 54 -6.05 1.50 -6.71
N ASN B 55 -4.73 1.72 -6.68
CA ASN B 55 -3.81 1.09 -5.74
C ASN B 55 -2.85 2.13 -5.22
N MET B 56 -2.39 1.96 -3.98
CA MET B 56 -1.59 2.97 -3.29
C MET B 56 -0.46 2.36 -2.48
N MET B 57 0.65 3.09 -2.39
CA MET B 57 1.83 2.65 -1.65
C MET B 57 2.60 3.87 -1.13
N LEU B 58 3.23 3.74 0.03
CA LEU B 58 4.14 4.74 0.56
C LEU B 58 5.59 4.36 0.21
N ILE B 59 6.38 5.37 -0.13
CA ILE B 59 7.80 5.17 -0.41
C ILE B 59 8.57 6.13 0.49
N GLN B 60 9.39 5.58 1.38
CA GLN B 60 10.15 6.36 2.33
C GLN B 60 11.39 6.95 1.66
N TYR B 61 11.78 8.14 2.14
CA TYR B 61 12.99 8.75 1.59
C TYR B 61 14.27 8.24 2.25
N THR B 62 14.20 7.82 3.51
CA THR B 62 15.38 7.40 4.25
C THR B 62 15.18 6.04 4.88
N ARG B 63 16.26 5.27 4.95
CA ARG B 63 16.22 3.96 5.57
C ARG B 63 16.01 4.05 7.08
N ASN B 64 16.21 5.23 7.67
CA ASN B 64 15.91 5.47 9.08
C ASN B 64 14.43 5.45 9.40
N GLU B 65 13.56 5.38 8.39
CA GLU B 65 12.12 5.27 8.62
C GLU B 65 11.63 3.82 8.61
N LEU B 66 12.52 2.85 8.41
CA LEU B 66 12.11 1.45 8.42
C LEU B 66 11.81 0.98 9.84
N LEU B 67 10.72 0.22 9.95
CA LEU B 67 10.35 -0.50 11.16
C LEU B 67 10.08 -1.96 10.82
N ASP B 68 9.92 -2.79 11.84
CA ASP B 68 9.63 -4.20 11.59
C ASP B 68 8.16 -4.31 11.23
N SER B 69 7.87 -4.18 9.93
CA SER B 69 6.51 -4.17 9.40
C SER B 69 6.60 -4.59 7.94
N PRO B 70 5.51 -5.08 7.35
CA PRO B 70 5.60 -5.58 5.97
C PRO B 70 5.68 -4.48 4.91
N GLY B 71 6.40 -4.79 3.83
CA GLY B 71 6.26 -4.05 2.59
C GLY B 71 6.86 -2.66 2.56
N MET B 72 7.72 -2.30 3.50
CA MET B 72 8.28 -0.94 3.47
C MET B 72 9.26 -0.81 2.32
N CYS B 73 9.27 0.36 1.70
CA CYS B 73 10.08 0.62 0.51
C CYS B 73 10.77 1.96 0.67
N VAL B 74 12.10 1.95 0.54
CA VAL B 74 12.91 3.16 0.65
C VAL B 74 13.47 3.49 -0.74
N PHE B 75 13.35 4.76 -1.12
CA PHE B 75 13.99 5.26 -2.33
C PHE B 75 15.47 4.94 -2.36
N TRP B 76 15.95 4.64 -3.55
CA TRP B 76 17.37 4.79 -3.85
C TRP B 76 17.71 6.27 -3.89
N GLY B 77 18.88 6.63 -3.39
CA GLY B 77 19.28 8.02 -3.33
C GLY B 77 19.65 8.47 -1.94
N PRO B 78 19.92 9.78 -1.79
CA PRO B 78 19.75 10.79 -2.84
C PRO B 78 20.90 10.78 -3.85
N TYR B 79 20.59 11.20 -5.08
CA TYR B 79 21.60 11.36 -6.13
C TYR B 79 21.70 12.83 -6.54
N SER B 80 22.93 13.32 -6.74
CA SER B 80 23.07 14.60 -7.43
C SER B 80 22.75 14.43 -8.91
N VAL B 81 22.29 15.51 -9.53
CA VAL B 81 21.98 15.48 -10.96
C VAL B 81 22.88 16.49 -11.66
N PRO B 82 23.13 16.30 -12.95
CA PRO B 82 24.13 17.15 -13.62
C PRO B 82 23.68 18.59 -13.86
N LYS B 83 22.38 18.83 -14.05
CA LYS B 83 21.92 20.15 -14.48
C LYS B 83 22.10 21.21 -13.39
N ASN B 84 21.88 20.85 -12.14
CA ASN B 84 21.87 21.87 -11.09
C ASN B 84 22.13 21.20 -9.76
N ASP B 85 22.32 22.03 -8.74
CA ASP B 85 22.70 21.60 -7.40
C ASP B 85 21.64 22.01 -6.38
N THR B 86 20.45 22.38 -6.83
CA THR B 86 19.37 22.80 -5.95
C THR B 86 18.30 21.71 -5.78
N VAL B 87 18.48 20.55 -6.39
CA VAL B 87 17.64 19.39 -6.11
C VAL B 87 18.53 18.16 -6.06
N VAL B 88 18.06 17.14 -5.34
CA VAL B 88 18.60 15.80 -5.44
C VAL B 88 17.47 14.87 -5.87
N LEU B 89 17.87 13.73 -6.45
CA LEU B 89 16.95 12.75 -7.01
C LEU B 89 16.81 11.55 -6.09
N TYR B 90 15.57 11.12 -5.88
CA TYR B 90 15.22 9.86 -5.22
C TYR B 90 14.44 8.99 -6.20
N THR B 91 14.72 7.69 -6.25
CA THR B 91 14.03 6.91 -7.26
C THR B 91 13.92 5.44 -6.88
N VAL B 92 12.85 4.81 -7.36
CA VAL B 92 12.72 3.36 -7.42
C VAL B 92 12.20 3.01 -8.80
N THR B 93 12.27 1.73 -9.12
CA THR B 93 11.71 1.23 -10.36
C THR B 93 10.70 0.12 -10.03
N ALA B 94 9.83 -0.15 -10.99
CA ALA B 94 8.85 -1.21 -10.87
C ALA B 94 8.86 -2.06 -12.13
N ARG B 95 8.71 -3.38 -11.94
CA ARG B 95 8.59 -4.33 -13.05
C ARG B 95 7.22 -4.98 -12.99
N LEU B 96 6.46 -4.87 -14.07
CA LEU B 96 5.13 -5.45 -14.19
C LEU B 96 5.21 -6.64 -15.14
N LYS B 97 4.97 -7.82 -14.61
CA LYS B 97 5.02 -9.06 -15.39
C LYS B 97 3.61 -9.40 -15.84
N TRP B 98 3.39 -9.40 -17.14
CA TRP B 98 2.07 -9.65 -17.73
C TRP B 98 1.95 -11.11 -18.14
N SER B 99 0.70 -11.55 -18.25
CA SER B 99 0.45 -12.93 -18.65
C SER B 99 1.01 -13.21 -20.05
N GLU B 100 0.97 -12.21 -20.93
CA GLU B 100 1.50 -12.32 -22.27
C GLU B 100 2.48 -11.18 -22.52
N GLY B 101 3.50 -11.46 -23.33
CA GLY B 101 4.38 -10.41 -23.79
C GLY B 101 5.40 -10.02 -22.75
N PRO B 102 6.26 -9.06 -23.10
CA PRO B 102 7.37 -8.69 -22.21
C PRO B 102 6.87 -7.84 -21.05
N PRO B 103 7.62 -7.80 -19.96
CA PRO B 103 7.20 -7.00 -18.81
C PRO B 103 7.30 -5.50 -19.10
N THR B 104 6.55 -4.74 -18.32
CA THR B 104 6.61 -3.28 -18.34
C THR B 104 7.55 -2.82 -17.22
N ASN B 105 8.49 -1.94 -17.54
CA ASN B 105 9.40 -1.38 -16.56
C ASN B 105 9.07 0.09 -16.36
N LEU B 106 8.92 0.50 -15.10
CA LEU B 106 8.47 1.84 -14.75
C LEU B 106 9.54 2.52 -13.90
N SER B 107 9.71 3.82 -14.10
CA SER B 107 10.59 4.63 -13.26
C SER B 107 9.77 5.57 -12.41
N ILE B 108 10.02 5.55 -11.10
CA ILE B 108 9.30 6.37 -10.14
C ILE B 108 10.32 7.33 -9.50
N GLN B 109 10.24 8.61 -9.86
CA GLN B 109 11.24 9.59 -9.46
C GLN B 109 10.64 10.75 -8.69
N CYS B 110 11.38 11.20 -7.69
CA CYS B 110 11.01 12.37 -6.90
C CYS B 110 12.25 13.24 -6.75
N TYR B 111 12.12 14.50 -7.13
CA TYR B 111 13.17 15.48 -6.88
C TYR B 111 12.87 16.19 -5.57
N MET B 112 13.91 16.37 -4.75
CA MET B 112 13.77 16.99 -3.45
C MET B 112 14.56 18.30 -3.46
N PRO B 113 13.93 19.43 -3.17
CA PRO B 113 14.70 20.69 -3.11
C PRO B 113 15.75 20.63 -2.01
N LYS B 114 16.84 21.33 -2.25
CA LYS B 114 17.89 21.49 -1.25
C LYS B 114 18.19 22.97 -1.04
#